data_5I62
#
_entry.id   5I62
#
_cell.length_a   77.534
_cell.length_b   77.534
_cell.length_c   183.858
_cell.angle_alpha   90.000
_cell.angle_beta   90.000
_cell.angle_gamma   90.000
#
_symmetry.space_group_name_H-M   'P 41 21 2'
#
loop_
_entity.id
_entity.type
_entity.pdbx_description
1 polymer 'Potential RNA-dependent RNA polymerase'
2 water water
#
_entity_poly.entity_id   1
_entity_poly.type   'polypeptide(L)'
_entity_poly.pdbx_seq_one_letter_code
;GQVAPNVWSKYFNIPNPGLRAYFSNVVSGQPEVYRTPFYKGMSLESICDEWYKKLVSIDTQWPTLMEFEDDLRKKVGPMS
VMLPLKERMSDIDSYYDSISKDQVPFDTKAISAAKSEWKGVSRLRLRSEVNTVAVMKKSTNSGSPYFSKRKAVVSKTIPC
DVYMDGRYCVMRQNGREWSGAAVLGWRGQEGGPKPTDVKQRVVWMFPFAVNIRELQVYQPLILTFQRLGLVPAWVSMEAV
DRRITKMFDTKGPRDVVVCTDFSKFDQHFNPTCQSVAKELLADLLTGQEAVDWLERVFPIKYAIPLAYNWGEIRYGIHGM
GSGSGGTNADETLVHRVLQHEAAISHHTTLNPNSQCLGDDGVLTYPGISAEDVMQSYSRHGLDMNLEKQYVSKQDCTYLR
RWHHTDYRVDGMCVGVYSTMRALGRLAMQERYYDPDVWGEKMVTLRYLSIIENVKYHPLKEEFLDFCIKGDKTRLGLGIP
GFLDNIAGEAQKAIDMMPDFLGYTKSLQYDGDLRRNAAAGIENWWVVQALKSRR
;
_entity_poly.pdbx_strand_id   A
#
# COMPACT_ATOMS: atom_id res chain seq x y z
N GLY A 1 -11.46 26.18 -9.31
CA GLY A 1 -11.96 25.29 -8.27
C GLY A 1 -12.55 25.96 -7.04
N GLN A 2 -12.53 27.30 -7.00
CA GLN A 2 -12.87 28.01 -5.77
C GLN A 2 -14.38 28.05 -5.54
N VAL A 3 -14.76 27.90 -4.26
CA VAL A 3 -16.15 27.90 -3.82
C VAL A 3 -16.32 29.01 -2.78
N ALA A 4 -17.58 29.44 -2.59
CA ALA A 4 -17.86 30.49 -1.62
C ALA A 4 -17.58 29.99 -0.20
N PRO A 5 -17.20 30.89 0.73
CA PRO A 5 -16.95 30.44 2.11
C PRO A 5 -18.11 29.69 2.72
N ASN A 6 -19.35 30.10 2.43
CA ASN A 6 -20.48 29.36 2.98
C ASN A 6 -20.84 28.13 2.13
N VAL A 7 -20.10 27.86 1.05
CA VAL A 7 -20.17 26.54 0.43
C VAL A 7 -19.10 25.63 1.00
N TRP A 8 -17.89 26.17 1.19
CA TRP A 8 -16.83 25.43 1.86
C TRP A 8 -17.28 24.92 3.21
N SER A 9 -18.07 25.71 3.95
CA SER A 9 -18.51 25.27 5.27
C SER A 9 -19.61 24.20 5.19
N LYS A 10 -20.07 23.80 4.00
CA LYS A 10 -20.94 22.65 3.88
C LYS A 10 -20.16 21.36 3.66
N TYR A 11 -18.88 21.47 3.31
CA TYR A 11 -17.96 20.35 3.20
C TYR A 11 -17.17 20.13 4.48
N PHE A 12 -16.84 21.21 5.21
CA PHE A 12 -16.07 21.09 6.42
C PHE A 12 -16.69 21.88 7.55
N ASN A 13 -16.51 21.37 8.75
CA ASN A 13 -16.96 22.02 9.97
C ASN A 13 -16.05 23.21 10.22
N ILE A 14 -16.58 24.43 10.05
CA ILE A 14 -15.80 25.69 10.06
C ILE A 14 -16.32 26.56 11.21
N PRO A 15 -15.41 27.13 12.04
CA PRO A 15 -13.97 27.17 11.81
C PRO A 15 -13.22 25.89 12.22
N ASN A 16 -12.03 25.74 11.66
CA ASN A 16 -11.16 24.60 11.96
C ASN A 16 -9.73 25.04 11.70
N PRO A 17 -9.07 25.59 12.73
CA PRO A 17 -7.65 25.99 12.57
C PRO A 17 -6.74 24.88 12.09
N GLY A 18 -6.97 23.63 12.55
CA GLY A 18 -6.13 22.53 12.08
C GLY A 18 -6.24 22.30 10.58
N LEU A 19 -7.46 22.40 10.04
CA LEU A 19 -7.65 22.27 8.60
C LEU A 19 -6.97 23.43 7.87
N ARG A 20 -7.04 24.62 8.44
CA ARG A 20 -6.41 25.80 7.87
C ARG A 20 -4.89 25.62 7.77
N ALA A 21 -4.27 25.17 8.87
CA ALA A 21 -2.85 24.88 8.83
C ALA A 21 -2.53 23.79 7.80
N TYR A 22 -3.37 22.75 7.77
CA TYR A 22 -3.14 21.64 6.84
C TYR A 22 -2.99 22.15 5.42
N PHE A 23 -3.96 22.92 4.94
CA PHE A 23 -3.91 23.35 3.54
C PHE A 23 -2.81 24.37 3.29
N SER A 24 -2.45 25.18 4.29
CA SER A 24 -1.29 26.04 4.15
C SER A 24 -0.04 25.22 3.88
N ASN A 25 0.12 24.12 4.61
CA ASN A 25 1.26 23.25 4.39
C ASN A 25 1.18 22.57 3.02
N VAL A 26 -0.03 22.22 2.56
CA VAL A 26 -0.16 21.69 1.20
C VAL A 26 0.34 22.71 0.18
N VAL A 27 -0.07 23.97 0.33
CA VAL A 27 0.34 25.01 -0.60
C VAL A 27 1.85 25.21 -0.55
N SER A 28 2.42 25.27 0.67
CA SER A 28 3.83 25.62 0.80
C SER A 28 4.76 24.46 0.47
N GLY A 29 4.33 23.23 0.73
CA GLY A 29 5.22 22.10 0.73
C GLY A 29 6.14 22.09 1.94
N GLN A 30 7.04 21.15 1.94
CA GLN A 30 8.00 20.97 3.05
C GLN A 30 9.33 20.59 2.40
N PRO A 31 10.28 21.54 2.31
CA PRO A 31 11.49 21.28 1.51
C PRO A 31 12.62 20.58 2.25
N GLU A 32 12.56 20.43 3.58
CA GLU A 32 13.70 19.92 4.33
C GLU A 32 13.87 18.41 4.18
N VAL A 33 15.12 17.98 4.13
CA VAL A 33 15.49 16.57 4.19
C VAL A 33 15.65 16.20 5.66
N TYR A 34 14.87 15.24 6.15
CA TYR A 34 14.91 14.81 7.53
C TYR A 34 15.83 13.60 7.68
N ARG A 35 16.94 13.79 8.37
CA ARG A 35 17.90 12.75 8.64
C ARG A 35 17.73 12.30 10.09
N THR A 36 17.71 10.99 10.33
CA THR A 36 17.58 10.44 11.67
C THR A 36 18.95 10.54 12.38
N PRO A 37 19.01 10.22 13.67
CA PRO A 37 20.32 10.16 14.35
C PRO A 37 21.18 8.96 13.98
N PHE A 38 20.68 8.07 13.12
CA PHE A 38 21.42 6.88 12.73
C PHE A 38 22.74 7.26 12.07
N TYR A 39 23.86 6.77 12.63
CA TYR A 39 25.19 7.10 12.16
C TYR A 39 25.37 8.61 11.98
N LYS A 40 24.90 9.35 12.99
CA LYS A 40 25.06 10.80 12.98
C LYS A 40 26.53 11.17 12.74
N GLY A 41 26.75 12.19 11.90
CA GLY A 41 28.09 12.56 11.51
C GLY A 41 28.60 11.86 10.27
N MET A 42 27.86 10.89 9.74
CA MET A 42 28.20 10.24 8.48
C MET A 42 27.11 10.54 7.46
N SER A 43 27.50 10.68 6.21
CA SER A 43 26.52 10.85 5.15
C SER A 43 25.87 9.51 4.82
N LEU A 44 24.76 9.60 4.11
CA LEU A 44 24.08 8.41 3.65
C LEU A 44 24.98 7.56 2.75
N GLU A 45 25.73 8.21 1.86
CA GLU A 45 26.66 7.51 0.97
C GLU A 45 27.66 6.69 1.78
N SER A 46 28.27 7.31 2.80
CA SER A 46 29.30 6.63 3.59
C SER A 46 28.73 5.45 4.36
N ILE A 47 27.53 5.60 4.94
CA ILE A 47 26.85 4.46 5.56
C ILE A 47 26.69 3.35 4.55
N CYS A 48 26.10 3.67 3.39
CA CYS A 48 25.85 2.64 2.39
C CYS A 48 27.16 2.05 1.88
N ASP A 49 28.16 2.90 1.63
CA ASP A 49 29.44 2.41 1.12
C ASP A 49 30.07 1.41 2.09
N GLU A 50 29.99 1.71 3.39
CA GLU A 50 30.60 0.85 4.40
C GLU A 50 29.90 -0.51 4.44
N TRP A 51 28.57 -0.51 4.44
CA TRP A 51 27.85 -1.78 4.44
C TRP A 51 28.10 -2.54 3.14
N TYR A 52 28.24 -1.83 2.02
CA TYR A 52 28.43 -2.47 0.73
C TYR A 52 29.69 -3.32 0.70
N LYS A 53 30.74 -2.89 1.41
CA LYS A 53 31.96 -3.66 1.47
C LYS A 53 31.73 -5.09 1.95
N LYS A 54 30.73 -5.29 2.83
CA LYS A 54 30.40 -6.61 3.34
C LYS A 54 29.26 -7.28 2.56
N LEU A 55 28.28 -6.50 2.10
CA LEU A 55 27.20 -7.04 1.27
C LEU A 55 27.75 -7.79 0.07
N VAL A 56 28.76 -7.20 -0.57
CA VAL A 56 29.29 -7.67 -1.83
C VAL A 56 29.78 -9.11 -1.74
N SER A 57 30.03 -9.61 -0.53
CA SER A 57 30.45 -10.99 -0.32
C SER A 57 29.42 -12.02 -0.80
N ILE A 58 28.16 -11.64 -0.99
CA ILE A 58 27.17 -12.60 -1.47
C ILE A 58 27.10 -12.70 -2.98
N ASP A 59 27.84 -11.84 -3.72
CA ASP A 59 27.69 -11.78 -5.17
C ASP A 59 28.04 -13.11 -5.83
N THR A 60 28.96 -13.86 -5.24
CA THR A 60 29.36 -15.10 -5.90
C THR A 60 28.26 -16.15 -5.82
N GLN A 61 27.67 -16.34 -4.65
CA GLN A 61 26.68 -17.40 -4.57
C GLN A 61 25.28 -16.91 -4.98
N TRP A 62 24.97 -15.64 -4.74
CA TRP A 62 23.64 -15.11 -5.02
C TRP A 62 23.72 -13.83 -5.86
N PRO A 63 24.23 -13.95 -7.09
CA PRO A 63 24.39 -12.74 -7.92
C PRO A 63 23.08 -12.03 -8.25
N THR A 64 21.95 -12.74 -8.39
CA THR A 64 20.71 -12.03 -8.62
C THR A 64 20.22 -11.31 -7.36
N LEU A 65 20.61 -11.78 -6.16
CA LEU A 65 20.32 -11.02 -4.96
C LEU A 65 21.12 -9.72 -4.93
N MET A 66 22.37 -9.78 -5.40
CA MET A 66 23.19 -8.57 -5.52
C MET A 66 22.58 -7.61 -6.53
N GLU A 67 22.08 -8.11 -7.65
CA GLU A 67 21.41 -7.24 -8.62
C GLU A 67 20.19 -6.56 -8.00
N PHE A 68 19.41 -7.33 -7.23
CA PHE A 68 18.26 -6.79 -6.53
C PHE A 68 18.67 -5.68 -5.57
N GLU A 69 19.72 -5.93 -4.79
CA GLU A 69 20.24 -4.93 -3.86
C GLU A 69 20.76 -3.70 -4.60
N ASP A 70 21.54 -3.90 -5.67
CA ASP A 70 22.04 -2.80 -6.49
C ASP A 70 20.90 -1.96 -7.06
N ASP A 71 19.86 -2.62 -7.56
CA ASP A 71 18.68 -1.92 -8.06
C ASP A 71 18.07 -1.01 -6.99
N LEU A 72 17.84 -1.53 -5.78
CA LEU A 72 17.17 -0.73 -4.75
C LEU A 72 18.11 0.31 -4.16
N ARG A 73 19.42 0.05 -4.18
CA ARG A 73 20.40 1.04 -3.75
C ARG A 73 20.24 2.35 -4.53
N LYS A 74 19.87 2.27 -5.80
CA LYS A 74 19.72 3.48 -6.61
C LYS A 74 18.55 4.34 -6.16
N LYS A 75 17.60 3.80 -5.37
CA LYS A 75 16.47 4.58 -4.87
C LYS A 75 16.73 5.19 -3.50
N VAL A 76 17.79 4.75 -2.81
CA VAL A 76 18.08 5.24 -1.49
C VAL A 76 18.25 6.76 -1.51
N GLY A 77 17.60 7.43 -0.56
CA GLY A 77 17.69 8.87 -0.46
C GLY A 77 16.61 9.46 0.43
N PRO A 78 16.42 10.78 0.32
CA PRO A 78 15.42 11.44 1.17
C PRO A 78 14.01 10.92 0.94
N MET A 79 13.18 11.08 1.96
CA MET A 79 11.75 10.78 1.87
C MET A 79 10.85 11.92 2.33
N SER A 80 11.40 12.99 2.87
CA SER A 80 10.59 14.00 3.52
C SER A 80 10.24 15.17 2.61
N VAL A 81 10.88 15.29 1.46
CA VAL A 81 10.72 16.51 0.66
C VAL A 81 9.37 16.45 -0.03
N MET A 82 8.47 17.31 0.41
CA MET A 82 7.13 17.41 -0.14
C MET A 82 7.03 18.67 -1.01
N LEU A 83 6.73 18.49 -2.28
CA LEU A 83 6.68 19.62 -3.20
C LEU A 83 5.44 20.48 -2.92
N PRO A 84 5.50 21.76 -3.27
CA PRO A 84 4.31 22.62 -3.14
C PRO A 84 3.19 22.12 -4.04
N LEU A 85 1.97 22.51 -3.68
CA LEU A 85 0.79 22.15 -4.45
C LEU A 85 0.93 22.53 -5.93
N LYS A 86 1.48 23.72 -6.18
CA LYS A 86 1.69 24.17 -7.56
C LYS A 86 2.52 23.18 -8.38
N GLU A 87 3.35 22.35 -7.75
CA GLU A 87 4.16 21.37 -8.48
C GLU A 87 3.60 19.95 -8.42
N ARG A 88 2.39 19.78 -7.88
CA ARG A 88 1.72 18.50 -7.75
C ARG A 88 0.44 18.44 -8.56
N MET A 89 0.09 19.50 -9.32
CA MET A 89 -1.19 19.53 -10.01
C MET A 89 -1.29 18.45 -11.08
N SER A 90 -0.16 18.11 -11.71
CA SER A 90 -0.14 17.02 -12.68
C SER A 90 -0.41 15.68 -12.00
N ASP A 91 0.09 15.51 -10.79
CA ASP A 91 -0.19 14.30 -10.03
C ASP A 91 -1.68 14.15 -9.77
N ILE A 92 -2.38 15.27 -9.54
CA ILE A 92 -3.83 15.24 -9.37
C ILE A 92 -4.53 14.97 -10.69
N ASP A 93 -4.16 15.74 -11.73
CA ASP A 93 -4.69 15.57 -13.07
C ASP A 93 -4.70 14.10 -13.47
N SER A 94 -3.63 13.38 -13.15
CA SER A 94 -3.47 11.99 -13.55
C SER A 94 -4.66 11.13 -13.14
N TYR A 95 -5.20 11.37 -11.95
CA TYR A 95 -6.35 10.58 -11.50
C TYR A 95 -7.58 10.81 -12.36
N TYR A 96 -7.73 12.01 -12.91
CA TYR A 96 -8.90 12.35 -13.72
C TYR A 96 -8.68 12.02 -15.19
N ASP A 97 -7.46 12.16 -15.67
CA ASP A 97 -7.19 12.02 -17.10
C ASP A 97 -6.81 10.59 -17.48
N SER A 98 -6.30 9.79 -16.55
CA SER A 98 -5.79 8.48 -16.93
C SER A 98 -6.89 7.43 -17.12
N ILE A 99 -8.14 7.72 -16.76
CA ILE A 99 -9.18 6.71 -16.87
C ILE A 99 -9.88 6.72 -18.21
N SER A 100 -9.46 7.58 -19.14
CA SER A 100 -10.11 7.66 -20.43
C SER A 100 -9.24 7.12 -21.57
N LYS A 101 -8.18 6.38 -21.25
CA LYS A 101 -7.42 5.69 -22.28
C LYS A 101 -8.29 4.60 -22.92
N ASP A 102 -7.91 4.20 -24.14
CA ASP A 102 -8.62 3.10 -24.81
C ASP A 102 -8.68 1.90 -23.89
N GLN A 103 -9.88 1.32 -23.75
CA GLN A 103 -10.08 0.23 -22.79
C GLN A 103 -11.10 -0.75 -23.33
N VAL A 104 -10.68 -2.00 -23.51
CA VAL A 104 -11.56 -3.05 -24.01
C VAL A 104 -12.17 -3.84 -22.85
N PRO A 105 -13.31 -4.47 -23.05
CA PRO A 105 -13.94 -5.25 -21.97
C PRO A 105 -13.09 -6.45 -21.57
N PHE A 106 -13.34 -6.93 -20.37
CA PHE A 106 -12.64 -8.11 -19.85
C PHE A 106 -13.27 -9.39 -20.40
N ASP A 107 -12.44 -10.42 -20.59
CA ASP A 107 -12.97 -11.73 -20.98
C ASP A 107 -13.88 -12.29 -19.90
N THR A 108 -15.12 -12.61 -20.29
CA THR A 108 -16.09 -13.22 -19.39
C THR A 108 -15.56 -14.50 -18.74
N LYS A 109 -14.75 -15.28 -19.50
CA LYS A 109 -14.20 -16.52 -18.97
C LYS A 109 -13.23 -16.25 -17.83
N ALA A 110 -12.46 -15.17 -17.92
CA ALA A 110 -11.54 -14.83 -16.84
C ALA A 110 -12.29 -14.41 -15.57
N ILE A 111 -13.41 -13.71 -15.73
CA ILE A 111 -14.23 -13.33 -14.58
C ILE A 111 -14.80 -14.56 -13.91
N SER A 112 -15.28 -15.53 -14.72
CA SER A 112 -15.74 -16.80 -14.15
C SER A 112 -14.62 -17.55 -13.44
N ALA A 113 -13.42 -17.54 -14.01
CA ALA A 113 -12.29 -18.20 -13.36
C ALA A 113 -12.02 -17.59 -11.99
N ALA A 114 -12.06 -16.26 -11.89
CA ALA A 114 -11.82 -15.61 -10.61
C ALA A 114 -12.88 -16.00 -9.58
N LYS A 115 -14.15 -15.99 -10.00
CA LYS A 115 -15.25 -16.37 -9.11
C LYS A 115 -15.09 -17.81 -8.64
N SER A 116 -14.60 -18.69 -9.50
CA SER A 116 -14.49 -20.10 -9.15
C SER A 116 -13.52 -20.31 -8.00
N GLU A 117 -12.53 -19.43 -7.83
CA GLU A 117 -11.60 -19.63 -6.73
C GLU A 117 -12.27 -19.51 -5.36
N TRP A 118 -13.44 -18.88 -5.27
CA TRP A 118 -14.15 -18.80 -3.99
C TRP A 118 -15.49 -19.53 -4.01
N LYS A 119 -15.62 -20.54 -4.87
CA LYS A 119 -16.75 -21.46 -4.81
C LYS A 119 -16.91 -22.02 -3.40
N GLY A 120 -18.14 -22.02 -2.90
CA GLY A 120 -18.43 -22.58 -1.60
C GLY A 120 -18.11 -21.69 -0.43
N VAL A 121 -17.43 -20.56 -0.64
CA VAL A 121 -17.18 -19.60 0.42
C VAL A 121 -18.51 -19.09 0.99
N SER A 122 -18.49 -18.79 2.29
CA SER A 122 -19.63 -18.15 2.93
C SER A 122 -19.82 -16.77 2.33
N ARG A 123 -20.96 -16.53 1.69
CA ARG A 123 -21.22 -15.23 1.09
C ARG A 123 -21.17 -14.14 2.15
N LEU A 124 -20.73 -12.96 1.73
CA LEU A 124 -20.48 -11.88 2.66
C LEU A 124 -21.78 -11.15 2.96
N ARG A 125 -21.92 -10.72 4.20
CA ARG A 125 -23.00 -9.83 4.56
C ARG A 125 -22.38 -8.57 5.15
N LEU A 126 -23.08 -7.45 4.96
CA LEU A 126 -22.60 -6.19 5.49
C LEU A 126 -22.55 -6.25 7.01
N ARG A 127 -21.44 -5.81 7.58
CA ARG A 127 -21.42 -5.56 9.00
C ARG A 127 -22.17 -4.26 9.29
N SER A 128 -22.63 -4.11 10.53
CA SER A 128 -23.33 -2.88 10.88
C SER A 128 -22.33 -1.74 11.03
N GLU A 129 -22.83 -0.51 10.91
CA GLU A 129 -21.95 0.64 11.08
C GLU A 129 -21.28 0.63 12.45
N VAL A 130 -22.01 0.25 13.50
CA VAL A 130 -21.44 0.26 14.83
C VAL A 130 -20.33 -0.77 14.95
N ASN A 131 -20.60 -2.00 14.49
CA ASN A 131 -19.58 -3.05 14.57
C ASN A 131 -18.37 -2.69 13.72
N THR A 132 -18.61 -2.10 12.54
CA THR A 132 -17.52 -1.69 11.67
C THR A 132 -16.65 -0.62 12.34
N VAL A 133 -17.27 0.42 12.89
CA VAL A 133 -16.52 1.46 13.60
C VAL A 133 -15.72 0.85 14.74
N ALA A 134 -16.29 -0.13 15.44
CA ALA A 134 -15.62 -0.72 16.60
C ALA A 134 -14.26 -1.30 16.24
N VAL A 135 -14.12 -1.83 15.03
CA VAL A 135 -12.86 -2.47 14.71
C VAL A 135 -11.94 -1.58 13.86
N MET A 136 -12.45 -0.44 13.36
CA MET A 136 -11.64 0.50 12.58
C MET A 136 -10.56 1.15 13.45
N LYS A 137 -9.51 1.62 12.77
CA LYS A 137 -8.58 2.56 13.39
C LYS A 137 -9.31 3.87 13.67
N LYS A 138 -9.25 4.32 14.92
CA LYS A 138 -9.94 5.56 15.27
C LYS A 138 -8.95 6.62 15.74
N SER A 139 -7.66 6.34 15.62
CA SER A 139 -6.60 7.34 15.67
C SER A 139 -6.47 8.13 14.38
N THR A 140 -7.01 7.64 13.26
CA THR A 140 -6.75 8.31 12.02
C THR A 140 -7.66 9.54 11.86
N ASN A 141 -7.27 10.39 10.91
CA ASN A 141 -8.01 11.61 10.65
C ASN A 141 -9.39 11.27 10.08
N SER A 142 -10.41 11.94 10.60
CA SER A 142 -11.79 11.67 10.19
C SER A 142 -12.14 12.27 8.84
N GLY A 143 -11.21 12.98 8.21
CA GLY A 143 -11.49 13.66 6.97
C GLY A 143 -12.67 14.61 7.08
N SER A 144 -13.33 14.78 5.94
CA SER A 144 -14.54 15.58 5.81
C SER A 144 -15.67 15.02 6.69
N PRO A 145 -16.42 15.88 7.41
CA PRO A 145 -16.29 17.33 7.57
C PRO A 145 -15.49 17.83 8.79
N TYR A 146 -15.28 16.98 9.79
CA TYR A 146 -14.70 17.46 11.03
C TYR A 146 -13.19 17.54 11.01
N PHE A 147 -12.51 16.74 10.20
CA PHE A 147 -11.04 16.76 10.13
C PHE A 147 -10.41 16.68 11.52
N SER A 148 -10.90 15.73 12.31
CA SER A 148 -10.38 15.44 13.64
C SER A 148 -9.96 13.98 13.71
N LYS A 149 -9.58 13.55 14.90
CA LYS A 149 -9.41 12.12 15.13
C LYS A 149 -10.77 11.45 15.13
N ARG A 150 -10.86 10.32 14.42
CA ARG A 150 -12.11 9.57 14.32
C ARG A 150 -12.74 9.35 15.70
N LYS A 151 -11.91 9.00 16.69
CA LYS A 151 -12.40 8.68 18.02
C LYS A 151 -13.29 9.79 18.56
N ALA A 152 -12.92 11.04 18.26
CA ALA A 152 -13.60 12.21 18.78
C ALA A 152 -14.96 12.46 18.16
N VAL A 153 -15.24 11.90 16.99
CA VAL A 153 -16.41 12.32 16.22
C VAL A 153 -17.35 11.17 15.88
N VAL A 154 -17.15 10.00 16.50
CA VAL A 154 -17.98 8.84 16.18
C VAL A 154 -19.46 9.16 16.38
N SER A 155 -19.78 9.78 17.52
CA SER A 155 -21.19 10.00 17.85
C SER A 155 -21.82 11.01 16.91
N LYS A 156 -21.02 11.92 16.35
CA LYS A 156 -21.52 12.87 15.36
C LYS A 156 -21.60 12.28 13.95
N THR A 157 -21.02 11.11 13.72
CA THR A 157 -20.90 10.55 12.38
C THR A 157 -21.93 9.48 12.09
N ILE A 158 -22.14 8.55 13.01
CA ILE A 158 -23.10 7.48 12.79
C ILE A 158 -24.41 7.75 13.55
N PRO A 159 -25.55 7.25 13.03
CA PRO A 159 -25.64 6.51 11.77
C PRO A 159 -25.45 7.44 10.57
N CYS A 160 -24.93 6.89 9.47
CA CYS A 160 -24.64 7.70 8.30
C CYS A 160 -25.11 6.98 7.05
N ASP A 161 -25.38 7.79 6.02
CA ASP A 161 -25.81 7.36 4.70
C ASP A 161 -25.04 8.22 3.72
N VAL A 162 -24.32 7.60 2.78
CA VAL A 162 -23.53 8.34 1.80
C VAL A 162 -23.91 7.88 0.39
N TYR A 163 -23.92 8.80 -0.56
CA TYR A 163 -24.24 8.45 -1.94
C TYR A 163 -23.87 9.63 -2.84
N MET A 164 -23.64 9.32 -4.12
CA MET A 164 -23.42 10.36 -5.12
C MET A 164 -24.74 10.91 -5.61
N ASP A 165 -24.82 12.23 -5.76
CA ASP A 165 -25.97 12.91 -6.35
C ASP A 165 -25.40 13.78 -7.45
N GLY A 166 -25.37 13.25 -8.67
CA GLY A 166 -24.61 13.90 -9.73
C GLY A 166 -23.15 13.93 -9.32
N ARG A 167 -22.52 15.09 -9.42
CA ARG A 167 -21.10 15.15 -9.08
C ARG A 167 -20.83 15.33 -7.59
N TYR A 168 -21.87 15.40 -6.75
CA TYR A 168 -21.72 15.65 -5.32
C TYR A 168 -21.84 14.36 -4.52
N CYS A 169 -21.09 14.28 -3.43
CA CYS A 169 -21.19 13.18 -2.48
C CYS A 169 -22.04 13.67 -1.31
N VAL A 170 -23.26 13.14 -1.18
CA VAL A 170 -24.11 13.50 -0.07
C VAL A 170 -23.78 12.62 1.12
N MET A 171 -23.61 13.23 2.30
CA MET A 171 -23.34 12.50 3.54
C MET A 171 -24.34 12.94 4.60
N ARG A 172 -25.30 12.07 4.91
CA ARG A 172 -26.20 12.29 6.05
C ARG A 172 -25.57 11.64 7.27
N GLN A 173 -25.27 12.44 8.30
CA GLN A 173 -24.56 11.96 9.48
C GLN A 173 -25.35 12.38 10.71
N ASN A 174 -25.99 11.42 11.38
CA ASN A 174 -26.74 11.66 12.62
C ASN A 174 -27.46 13.00 12.63
N GLY A 175 -28.37 13.23 11.67
CA GLY A 175 -29.17 14.44 11.67
C GLY A 175 -28.61 15.61 10.87
N ARG A 176 -27.35 15.55 10.44
CA ARG A 176 -26.74 16.58 9.61
C ARG A 176 -26.66 16.10 8.16
N GLU A 177 -26.73 17.03 7.22
CA GLU A 177 -26.38 16.74 5.83
C GLU A 177 -25.15 17.55 5.47
N TRP A 178 -24.06 16.87 5.16
CA TRP A 178 -22.83 17.48 4.67
C TRP A 178 -22.63 17.13 3.20
N SER A 179 -21.74 17.87 2.56
CA SER A 179 -21.27 17.50 1.24
C SER A 179 -19.86 16.91 1.41
N GLY A 180 -19.63 15.72 0.84
CA GLY A 180 -18.39 15.01 1.10
C GLY A 180 -17.30 15.34 0.09
N ALA A 181 -16.06 15.39 0.57
CA ALA A 181 -14.91 15.52 -0.31
C ALA A 181 -13.71 14.84 0.34
N ALA A 182 -12.95 14.09 -0.47
CA ALA A 182 -11.64 13.66 -0.03
C ALA A 182 -10.76 14.89 0.16
N VAL A 183 -9.77 14.77 1.03
CA VAL A 183 -8.79 15.82 1.23
C VAL A 183 -7.47 15.35 0.64
N LEU A 184 -6.81 16.24 -0.11
CA LEU A 184 -5.52 15.93 -0.73
C LEU A 184 -4.46 15.73 0.35
N GLY A 185 -3.97 14.50 0.47
CA GLY A 185 -2.86 14.16 1.33
C GLY A 185 -1.61 13.79 0.54
N TRP A 186 -0.57 13.43 1.29
CA TRP A 186 0.76 13.26 0.70
C TRP A 186 1.52 12.18 1.44
N ARG A 187 2.30 11.41 0.68
CA ARG A 187 3.31 10.53 1.23
C ARG A 187 4.57 10.63 0.38
N GLY A 188 5.72 10.64 1.03
CA GLY A 188 6.98 10.67 0.34
C GLY A 188 7.58 9.29 0.25
N GLN A 189 8.21 8.99 -0.89
CA GLN A 189 8.86 7.72 -1.10
C GLN A 189 10.21 7.97 -1.75
N GLU A 190 11.22 7.26 -1.27
CA GLU A 190 12.57 7.45 -1.79
C GLU A 190 12.61 7.08 -3.28
N GLY A 191 13.24 7.95 -4.07
CA GLY A 191 13.39 7.68 -5.49
C GLY A 191 14.77 8.05 -6.00
N GLY A 192 15.76 8.12 -5.11
CA GLY A 192 17.08 8.56 -5.49
C GLY A 192 17.71 9.46 -4.42
N PRO A 193 19.02 9.70 -4.54
CA PRO A 193 19.75 10.35 -3.44
C PRO A 193 19.50 11.85 -3.31
N LYS A 194 18.91 12.51 -4.30
CA LYS A 194 18.74 13.96 -4.21
C LYS A 194 17.40 14.34 -3.59
N PRO A 195 17.28 15.55 -3.02
CA PRO A 195 15.97 15.98 -2.51
C PRO A 195 14.91 16.08 -3.59
N THR A 196 15.29 16.29 -4.85
CA THR A 196 14.32 16.31 -5.93
C THR A 196 13.95 14.90 -6.44
N ASP A 197 14.53 13.85 -5.87
CA ASP A 197 14.20 12.49 -6.29
C ASP A 197 13.02 11.90 -5.52
N VAL A 198 12.50 12.59 -4.51
CA VAL A 198 11.44 12.03 -3.68
C VAL A 198 10.17 11.89 -4.49
N LYS A 199 9.60 10.67 -4.46
CA LYS A 199 8.31 10.37 -5.11
C LYS A 199 7.20 11.07 -4.36
N GLN A 200 6.34 11.79 -5.10
CA GLN A 200 5.28 12.59 -4.49
C GLN A 200 3.95 11.83 -4.60
N ARG A 201 3.69 10.97 -3.61
CA ARG A 201 2.47 10.16 -3.65
C ARG A 201 1.25 10.99 -3.27
N VAL A 202 0.17 10.82 -4.01
CA VAL A 202 -1.12 11.43 -3.68
C VAL A 202 -1.89 10.48 -2.79
N VAL A 203 -2.41 11.00 -1.67
CA VAL A 203 -3.31 10.27 -0.81
C VAL A 203 -4.68 10.94 -0.88
N TRP A 204 -5.72 10.14 -1.11
CA TRP A 204 -7.10 10.60 -1.00
C TRP A 204 -7.59 10.30 0.41
N MET A 205 -7.63 11.33 1.26
CA MET A 205 -8.04 11.15 2.66
C MET A 205 -9.55 11.25 2.70
N PHE A 206 -10.23 10.11 2.90
CA PHE A 206 -11.67 10.00 2.71
C PHE A 206 -12.43 10.46 3.95
N PRO A 207 -13.66 10.96 3.77
CA PRO A 207 -14.54 11.21 4.91
C PRO A 207 -14.76 9.94 5.71
N PHE A 208 -14.74 10.09 7.03
CA PHE A 208 -15.05 9.00 7.96
C PHE A 208 -16.33 8.28 7.56
N ALA A 209 -17.39 9.02 7.25
CA ALA A 209 -18.68 8.40 6.91
C ALA A 209 -18.56 7.50 5.69
N VAL A 210 -17.83 7.93 4.67
CA VAL A 210 -17.65 7.09 3.48
C VAL A 210 -16.86 5.83 3.85
N ASN A 211 -15.75 6.00 4.58
CA ASN A 211 -14.94 4.85 4.96
C ASN A 211 -15.73 3.84 5.80
N ILE A 212 -16.56 4.32 6.73
CA ILE A 212 -17.44 3.41 7.48
C ILE A 212 -18.33 2.61 6.54
N ARG A 213 -19.02 3.29 5.63
CA ARG A 213 -19.94 2.58 4.74
C ARG A 213 -19.18 1.58 3.86
N GLU A 214 -18.04 2.01 3.30
CA GLU A 214 -17.23 1.09 2.50
C GLU A 214 -16.82 -0.14 3.30
N LEU A 215 -16.33 0.08 4.52
CA LEU A 215 -15.77 -1.01 5.30
C LEU A 215 -16.83 -1.98 5.82
N GLN A 216 -18.12 -1.59 5.80
CA GLN A 216 -19.15 -2.57 6.10
C GLN A 216 -19.07 -3.79 5.18
N VAL A 217 -18.51 -3.61 3.98
CA VAL A 217 -18.28 -4.71 3.06
C VAL A 217 -16.82 -5.15 3.11
N TYR A 218 -15.90 -4.20 3.01
CA TYR A 218 -14.51 -4.60 2.81
C TYR A 218 -13.91 -5.25 4.06
N GLN A 219 -14.36 -4.84 5.25
CA GLN A 219 -13.86 -5.47 6.48
C GLN A 219 -14.18 -6.95 6.52
N PRO A 220 -15.45 -7.38 6.44
CA PRO A 220 -15.69 -8.84 6.41
C PRO A 220 -15.08 -9.53 5.21
N LEU A 221 -15.00 -8.86 4.07
CA LEU A 221 -14.36 -9.45 2.88
C LEU A 221 -12.91 -9.84 3.17
N ILE A 222 -12.14 -8.89 3.66
CA ILE A 222 -10.74 -9.13 3.93
C ILE A 222 -10.56 -10.21 4.98
N LEU A 223 -11.40 -10.19 6.03
CA LEU A 223 -11.32 -11.21 7.09
C LEU A 223 -11.58 -12.61 6.54
N THR A 224 -12.62 -12.76 5.72
CA THR A 224 -12.93 -14.03 5.09
C THR A 224 -11.79 -14.50 4.19
N PHE A 225 -11.27 -13.61 3.35
CA PHE A 225 -10.16 -13.97 2.48
C PHE A 225 -8.92 -14.34 3.28
N GLN A 226 -8.68 -13.63 4.39
CA GLN A 226 -7.54 -13.94 5.25
C GLN A 226 -7.65 -15.35 5.82
N ARG A 227 -8.83 -15.72 6.32
CA ARG A 227 -8.99 -17.03 6.93
C ARG A 227 -8.94 -18.15 5.91
N LEU A 228 -9.37 -17.90 4.68
CA LEU A 228 -9.24 -18.90 3.61
C LEU A 228 -7.86 -18.91 2.97
N GLY A 229 -7.04 -17.90 3.23
CA GLY A 229 -5.73 -17.80 2.61
C GLY A 229 -5.73 -17.46 1.14
N LEU A 230 -6.80 -16.83 0.64
CA LEU A 230 -6.91 -16.58 -0.80
C LEU A 230 -5.92 -15.52 -1.29
N VAL A 231 -5.65 -14.51 -0.48
CA VAL A 231 -4.66 -13.47 -0.81
C VAL A 231 -3.58 -13.52 0.26
N PRO A 232 -2.49 -14.26 0.02
CA PRO A 232 -1.50 -14.46 1.11
C PRO A 232 -0.92 -13.16 1.66
N ALA A 233 -0.75 -12.12 0.84
CA ALA A 233 -0.19 -10.86 1.33
C ALA A 233 -1.10 -10.18 2.35
N TRP A 234 -2.39 -10.52 2.38
CA TRP A 234 -3.28 -10.06 3.44
C TRP A 234 -3.09 -10.83 4.73
N VAL A 235 -2.37 -11.95 4.71
CA VAL A 235 -2.20 -12.74 5.91
C VAL A 235 -0.84 -12.43 6.52
N SER A 236 0.23 -12.68 5.77
CA SER A 236 1.57 -12.50 6.31
C SER A 236 2.60 -12.70 5.22
N MET A 237 3.81 -12.24 5.48
CA MET A 237 4.91 -12.49 4.53
C MET A 237 5.26 -13.97 4.49
N GLU A 238 5.00 -14.69 5.58
CA GLU A 238 5.25 -16.14 5.56
C GLU A 238 4.23 -16.86 4.68
N ALA A 239 2.97 -16.39 4.69
CA ALA A 239 1.98 -16.95 3.75
C ALA A 239 2.36 -16.64 2.31
N VAL A 240 2.92 -15.46 2.06
CA VAL A 240 3.39 -15.12 0.72
C VAL A 240 4.50 -16.07 0.29
N ASP A 241 5.45 -16.29 1.19
CA ASP A 241 6.61 -17.14 0.90
C ASP A 241 6.19 -18.57 0.62
N ARG A 242 5.19 -19.06 1.35
CA ARG A 242 4.74 -20.41 1.09
C ARG A 242 4.16 -20.54 -0.31
N ARG A 243 3.40 -19.54 -0.77
CA ARG A 243 2.83 -19.63 -2.10
C ARG A 243 3.89 -19.43 -3.18
N ILE A 244 4.86 -18.53 -2.95
CA ILE A 244 5.99 -18.42 -3.87
C ILE A 244 6.64 -19.79 -4.07
N THR A 245 6.88 -20.48 -2.95
CA THR A 245 7.49 -21.82 -3.00
C THR A 245 6.66 -22.77 -3.87
N LYS A 246 5.35 -22.80 -3.66
CA LYS A 246 4.48 -23.68 -4.44
C LYS A 246 4.49 -23.31 -5.92
N MET A 247 4.60 -22.01 -6.22
CA MET A 247 4.67 -21.57 -7.60
C MET A 247 5.91 -22.13 -8.29
N PHE A 248 7.05 -22.11 -7.59
CA PHE A 248 8.25 -22.70 -8.16
C PHE A 248 8.13 -24.22 -8.27
N ASP A 249 7.50 -24.86 -7.27
CA ASP A 249 7.32 -26.31 -7.28
C ASP A 249 6.43 -26.78 -8.42
N THR A 250 5.47 -25.97 -8.83
CA THR A 250 4.44 -26.39 -9.79
C THR A 250 4.52 -25.66 -11.12
N LYS A 251 5.58 -24.91 -11.38
CA LYS A 251 5.62 -24.22 -12.66
C LYS A 251 6.18 -25.12 -13.74
N GLY A 252 5.83 -24.83 -14.98
CA GLY A 252 6.47 -25.43 -16.12
C GLY A 252 7.98 -25.33 -16.05
N PRO A 253 8.66 -26.48 -16.19
CA PRO A 253 10.13 -26.48 -16.25
C PRO A 253 10.68 -25.56 -17.33
N ARG A 254 9.95 -25.36 -18.41
CA ARG A 254 10.42 -24.47 -19.46
C ARG A 254 9.98 -23.02 -19.27
N ASP A 255 9.09 -22.76 -18.32
CA ASP A 255 8.45 -21.45 -18.23
C ASP A 255 9.20 -20.50 -17.32
N VAL A 256 9.03 -19.21 -17.57
CA VAL A 256 9.54 -18.18 -16.70
C VAL A 256 8.47 -17.84 -15.68
N VAL A 257 8.89 -17.18 -14.61
CA VAL A 257 8.00 -16.44 -13.73
C VAL A 257 8.06 -14.99 -14.16
N VAL A 258 6.91 -14.32 -14.22
CA VAL A 258 6.85 -12.91 -14.59
C VAL A 258 6.45 -12.09 -13.38
N CYS A 259 7.25 -11.10 -13.05
CA CYS A 259 6.94 -10.13 -11.99
C CYS A 259 6.51 -8.84 -12.68
N THR A 260 5.24 -8.49 -12.51
CA THR A 260 4.67 -7.40 -13.29
C THR A 260 4.86 -6.09 -12.55
N ASP A 261 4.66 -5.00 -13.29
CA ASP A 261 4.68 -3.70 -12.65
C ASP A 261 3.78 -2.75 -13.42
N PHE A 262 2.94 -1.99 -12.70
CA PHE A 262 2.04 -0.98 -13.27
C PHE A 262 2.57 0.42 -13.01
N SER A 263 2.45 1.29 -14.02
CA SER A 263 2.66 2.71 -13.83
C SER A 263 1.33 3.34 -13.47
N LYS A 264 1.24 3.92 -12.26
CA LYS A 264 0.07 4.70 -11.87
C LYS A 264 -1.20 3.85 -11.95
N PHE A 265 -1.16 2.69 -11.31
CA PHE A 265 -2.27 1.75 -11.38
C PHE A 265 -3.57 2.38 -10.87
N ASP A 266 -3.52 3.00 -9.68
CA ASP A 266 -4.70 3.64 -9.11
C ASP A 266 -5.32 4.61 -10.11
N GLN A 267 -4.48 5.45 -10.71
CA GLN A 267 -4.94 6.49 -11.62
C GLN A 267 -5.64 5.91 -12.84
N HIS A 268 -5.21 4.73 -13.29
CA HIS A 268 -5.76 4.11 -14.49
C HIS A 268 -6.90 3.17 -14.19
N PHE A 269 -7.33 3.05 -12.92
CA PHE A 269 -8.36 2.07 -12.55
C PHE A 269 -9.70 2.63 -13.01
N ASN A 270 -10.02 2.39 -14.28
CA ASN A 270 -11.03 3.11 -15.04
C ASN A 270 -12.39 2.43 -14.88
N PRO A 271 -13.45 2.98 -15.51
CA PRO A 271 -14.79 2.39 -15.32
C PRO A 271 -14.91 0.97 -15.83
N THR A 272 -14.06 0.54 -16.76
CA THR A 272 -14.09 -0.86 -17.16
C THR A 272 -13.59 -1.74 -16.03
N CYS A 273 -12.45 -1.38 -15.43
CA CYS A 273 -11.96 -2.09 -14.26
C CYS A 273 -12.96 -2.05 -13.11
N GLN A 274 -13.56 -0.88 -12.88
CA GLN A 274 -14.52 -0.73 -11.79
C GLN A 274 -15.69 -1.69 -11.95
N SER A 275 -16.18 -1.86 -13.19
CA SER A 275 -17.35 -2.72 -13.36
C SER A 275 -17.00 -4.17 -13.09
N VAL A 276 -15.74 -4.56 -13.30
CA VAL A 276 -15.32 -5.93 -12.96
C VAL A 276 -15.28 -6.12 -11.45
N ALA A 277 -14.69 -5.15 -10.73
CA ALA A 277 -14.74 -5.18 -9.27
C ALA A 277 -16.18 -5.30 -8.79
N LYS A 278 -17.09 -4.53 -9.39
CA LYS A 278 -18.47 -4.56 -8.93
C LYS A 278 -19.10 -5.92 -9.15
N GLU A 279 -18.76 -6.57 -10.27
CA GLU A 279 -19.31 -7.88 -10.57
C GLU A 279 -18.80 -8.94 -9.59
N LEU A 280 -17.50 -8.91 -9.28
CA LEU A 280 -16.94 -9.85 -8.31
C LEU A 280 -17.56 -9.65 -6.93
N LEU A 281 -17.69 -8.39 -6.51
CA LEU A 281 -18.30 -8.09 -5.22
C LEU A 281 -19.76 -8.56 -5.18
N ALA A 282 -20.49 -8.36 -6.28
CA ALA A 282 -21.88 -8.80 -6.30
C ALA A 282 -21.97 -10.32 -6.17
N ASP A 283 -21.01 -11.04 -6.74
CA ASP A 283 -20.96 -12.49 -6.56
C ASP A 283 -20.71 -12.86 -5.10
N LEU A 284 -19.77 -12.17 -4.46
CA LEU A 284 -19.38 -12.50 -3.09
C LEU A 284 -20.46 -12.13 -2.07
N LEU A 285 -21.26 -11.12 -2.37
CA LEU A 285 -22.18 -10.58 -1.39
C LEU A 285 -23.56 -11.23 -1.51
N THR A 286 -24.35 -11.11 -0.44
CA THR A 286 -25.72 -11.55 -0.45
C THR A 286 -26.56 -10.60 0.41
N GLY A 287 -27.80 -10.37 0.00
CA GLY A 287 -28.74 -9.58 0.76
C GLY A 287 -29.13 -8.29 0.05
N GLN A 288 -30.30 -7.76 0.43
CA GLN A 288 -30.77 -6.50 -0.14
C GLN A 288 -29.90 -5.34 0.26
N GLU A 289 -29.39 -5.35 1.50
CA GLU A 289 -28.46 -4.32 1.94
C GLU A 289 -27.24 -4.28 1.03
N ALA A 290 -26.83 -5.45 0.54
CA ALA A 290 -25.68 -5.51 -0.38
C ALA A 290 -26.03 -4.90 -1.73
N VAL A 291 -27.23 -5.19 -2.25
CA VAL A 291 -27.67 -4.58 -3.52
C VAL A 291 -27.59 -3.06 -3.42
N ASP A 292 -28.03 -2.50 -2.28
CA ASP A 292 -28.01 -1.05 -2.10
C ASP A 292 -26.60 -0.52 -2.01
N TRP A 293 -25.74 -1.20 -1.25
CA TRP A 293 -24.33 -0.82 -1.13
C TRP A 293 -23.66 -0.76 -2.50
N LEU A 294 -23.93 -1.73 -3.37
CA LEU A 294 -23.29 -1.77 -4.67
C LEU A 294 -23.71 -0.60 -5.55
N GLU A 295 -24.96 -0.14 -5.41
CA GLU A 295 -25.44 0.97 -6.23
C GLU A 295 -25.06 2.32 -5.63
N ARG A 296 -25.01 2.43 -4.30
CA ARG A 296 -24.86 3.72 -3.62
C ARG A 296 -23.45 4.01 -3.14
N VAL A 297 -22.78 3.04 -2.55
CA VAL A 297 -21.51 3.27 -1.87
C VAL A 297 -20.32 2.90 -2.75
N PHE A 298 -20.35 1.70 -3.34
CA PHE A 298 -19.26 1.27 -4.21
C PHE A 298 -18.74 2.34 -5.18
N PRO A 299 -19.57 3.12 -5.85
CA PRO A 299 -19.01 4.06 -6.84
C PRO A 299 -18.30 5.26 -6.25
N ILE A 300 -18.45 5.54 -4.94
CA ILE A 300 -17.99 6.83 -4.41
C ILE A 300 -16.48 6.98 -4.53
N LYS A 301 -15.73 5.89 -4.30
CA LYS A 301 -14.28 6.00 -4.34
C LYS A 301 -13.77 6.37 -5.72
N TYR A 302 -14.58 6.20 -6.77
CA TYR A 302 -14.23 6.55 -8.14
C TYR A 302 -14.81 7.88 -8.60
N ALA A 303 -15.56 8.58 -7.74
CA ALA A 303 -16.21 9.81 -8.14
C ALA A 303 -16.21 10.90 -7.08
N ILE A 304 -15.67 10.65 -5.88
CA ILE A 304 -15.79 11.61 -4.78
C ILE A 304 -15.05 12.90 -5.12
N PRO A 305 -15.59 14.08 -4.81
CA PRO A 305 -14.85 15.32 -5.07
C PRO A 305 -13.55 15.33 -4.27
N LEU A 306 -12.63 16.19 -4.69
CA LEU A 306 -11.33 16.34 -4.04
C LEU A 306 -11.12 17.77 -3.58
N ALA A 307 -10.95 17.96 -2.28
CA ALA A 307 -10.57 19.26 -1.70
C ALA A 307 -9.04 19.32 -1.69
N TYR A 308 -8.46 20.12 -2.56
CA TYR A 308 -7.00 20.15 -2.71
C TYR A 308 -6.38 21.44 -2.17
N ASN A 309 -7.19 22.42 -1.78
CA ASN A 309 -6.72 23.63 -1.14
C ASN A 309 -7.89 24.21 -0.35
N TRP A 310 -7.59 25.17 0.53
CA TRP A 310 -8.66 25.83 1.27
C TRP A 310 -9.61 26.49 0.28
N GLY A 311 -10.88 26.06 0.29
CA GLY A 311 -11.85 26.65 -0.60
C GLY A 311 -11.78 26.18 -2.04
N GLU A 312 -11.03 25.13 -2.35
CA GLU A 312 -10.89 24.67 -3.72
C GLU A 312 -11.19 23.19 -3.80
N ILE A 313 -12.11 22.83 -4.68
CA ILE A 313 -12.63 21.48 -4.80
C ILE A 313 -12.72 21.12 -6.27
N ARG A 314 -12.31 19.91 -6.60
CA ARG A 314 -12.41 19.41 -7.95
C ARG A 314 -13.45 18.30 -7.99
N TYR A 315 -14.22 18.22 -9.10
CA TYR A 315 -15.31 17.26 -9.26
C TYR A 315 -15.09 16.38 -10.49
N GLY A 316 -15.87 15.32 -10.60
CA GLY A 316 -15.85 14.44 -11.75
C GLY A 316 -15.33 13.04 -11.40
N ILE A 317 -15.58 12.09 -12.32
CA ILE A 317 -15.10 10.74 -12.06
C ILE A 317 -13.58 10.66 -12.22
N HIS A 318 -12.97 9.69 -11.57
CA HIS A 318 -11.52 9.58 -11.55
C HIS A 318 -11.15 8.13 -11.27
N GLY A 319 -9.84 7.86 -11.22
CA GLY A 319 -9.38 6.54 -10.88
C GLY A 319 -9.58 6.25 -9.40
N MET A 320 -8.98 5.14 -8.97
CA MET A 320 -9.09 4.75 -7.57
C MET A 320 -8.61 5.86 -6.65
N GLY A 321 -9.50 6.34 -5.78
CA GLY A 321 -9.07 7.29 -4.77
C GLY A 321 -8.18 6.60 -3.77
N SER A 322 -6.86 6.71 -3.96
CA SER A 322 -5.88 6.02 -3.14
C SER A 322 -6.04 6.40 -1.67
N GLY A 323 -6.71 5.54 -0.88
CA GLY A 323 -7.17 5.91 0.45
C GLY A 323 -8.57 5.44 0.80
N SER A 324 -9.33 5.01 -0.21
CA SER A 324 -10.59 4.32 0.01
C SER A 324 -10.43 3.10 0.91
N GLY A 325 -11.50 2.73 1.61
CA GLY A 325 -11.50 1.48 2.35
C GLY A 325 -11.42 0.26 1.44
N GLY A 326 -11.73 0.41 0.16
CA GLY A 326 -11.58 -0.69 -0.75
C GLY A 326 -10.47 -0.52 -1.77
N THR A 327 -9.52 0.38 -1.49
CA THR A 327 -8.43 0.62 -2.43
C THR A 327 -7.74 -0.69 -2.79
N ASN A 328 -7.34 -1.44 -1.78
CA ASN A 328 -6.61 -2.67 -2.04
C ASN A 328 -7.54 -3.77 -2.52
N ALA A 329 -8.75 -3.85 -1.95
CA ALA A 329 -9.65 -4.96 -2.27
C ALA A 329 -10.07 -4.93 -3.73
N ASP A 330 -10.61 -3.80 -4.19
CA ASP A 330 -11.09 -3.70 -5.58
C ASP A 330 -9.97 -4.03 -6.55
N GLU A 331 -8.79 -3.46 -6.31
CA GLU A 331 -7.67 -3.63 -7.22
C GLU A 331 -7.18 -5.07 -7.22
N THR A 332 -7.08 -5.69 -6.05
CA THR A 332 -6.57 -7.06 -5.96
C THR A 332 -7.51 -8.05 -6.64
N LEU A 333 -8.82 -7.88 -6.44
CA LEU A 333 -9.80 -8.73 -7.09
C LEU A 333 -9.69 -8.62 -8.61
N VAL A 334 -9.60 -7.40 -9.13
CA VAL A 334 -9.53 -7.20 -10.57
C VAL A 334 -8.19 -7.64 -11.12
N HIS A 335 -7.11 -7.41 -10.37
CA HIS A 335 -5.79 -7.89 -10.79
C HIS A 335 -5.79 -9.41 -10.98
N ARG A 336 -6.50 -10.13 -10.10
CA ARG A 336 -6.56 -11.58 -10.24
C ARG A 336 -7.28 -11.97 -11.53
N VAL A 337 -8.35 -11.24 -11.90
CA VAL A 337 -8.99 -11.45 -13.20
C VAL A 337 -8.00 -11.23 -14.35
N LEU A 338 -7.20 -10.17 -14.27
CA LEU A 338 -6.20 -9.90 -15.30
C LEU A 338 -5.26 -11.09 -15.47
N GLN A 339 -4.83 -11.70 -14.37
CA GLN A 339 -3.92 -12.85 -14.44
C GLN A 339 -4.60 -14.02 -15.12
N HIS A 340 -5.84 -14.32 -14.73
CA HIS A 340 -6.58 -15.39 -15.39
C HIS A 340 -6.74 -15.12 -16.87
N GLU A 341 -7.05 -13.88 -17.22
CA GLU A 341 -7.33 -13.53 -18.61
C GLU A 341 -6.08 -13.69 -19.47
N ALA A 342 -4.91 -13.33 -18.94
CA ALA A 342 -3.68 -13.55 -19.70
C ALA A 342 -3.50 -15.03 -20.06
N ALA A 343 -3.70 -15.92 -19.08
CA ALA A 343 -3.54 -17.34 -19.34
C ALA A 343 -4.59 -17.83 -20.33
N ILE A 344 -5.84 -17.47 -20.10
CA ILE A 344 -6.96 -17.90 -20.93
C ILE A 344 -6.81 -17.38 -22.35
N SER A 345 -6.35 -16.14 -22.49
CA SER A 345 -6.09 -15.59 -23.81
C SER A 345 -5.02 -16.38 -24.57
N HIS A 346 -4.16 -17.11 -23.87
CA HIS A 346 -3.16 -17.94 -24.53
C HIS A 346 -3.48 -19.43 -24.39
N HIS A 347 -4.76 -19.74 -24.26
CA HIS A 347 -5.31 -21.10 -24.36
C HIS A 347 -4.77 -22.02 -23.27
N THR A 348 -4.55 -21.49 -22.08
CA THR A 348 -4.11 -22.32 -20.97
C THR A 348 -4.74 -21.78 -19.68
N THR A 349 -4.19 -22.20 -18.55
CA THR A 349 -4.76 -21.96 -17.23
C THR A 349 -3.72 -21.30 -16.34
N LEU A 350 -4.16 -20.30 -15.58
CA LEU A 350 -3.27 -19.63 -14.64
C LEU A 350 -2.80 -20.63 -13.59
N ASN A 351 -1.50 -20.65 -13.32
CA ASN A 351 -1.03 -21.40 -12.16
C ASN A 351 -1.60 -20.72 -10.92
N PRO A 352 -2.44 -21.40 -10.12
CA PRO A 352 -3.15 -20.72 -9.02
C PRO A 352 -2.22 -20.26 -7.89
N ASN A 353 -0.97 -20.73 -7.87
CA ASN A 353 -0.01 -20.21 -6.91
C ASN A 353 0.59 -18.87 -7.32
N SER A 354 0.23 -18.35 -8.51
CA SER A 354 0.48 -16.95 -8.82
C SER A 354 -0.18 -16.08 -7.75
N GLN A 355 0.34 -14.86 -7.58
CA GLN A 355 -0.13 -13.97 -6.51
C GLN A 355 -0.25 -12.55 -7.04
N CYS A 356 -1.13 -11.78 -6.41
CA CYS A 356 -1.18 -10.35 -6.67
C CYS A 356 -1.69 -9.60 -5.43
N LEU A 357 -1.31 -8.33 -5.35
CA LEU A 357 -1.74 -7.48 -4.26
C LEU A 357 -1.68 -6.06 -4.78
N GLY A 358 -2.84 -5.41 -4.87
CA GLY A 358 -2.87 -4.07 -5.44
C GLY A 358 -2.26 -4.08 -6.83
N ASP A 359 -1.24 -3.25 -7.04
CA ASP A 359 -0.58 -3.15 -8.33
C ASP A 359 0.61 -4.10 -8.48
N ASP A 360 0.81 -5.00 -7.53
CA ASP A 360 1.98 -5.90 -7.53
C ASP A 360 1.54 -7.31 -7.86
N GLY A 361 2.28 -7.97 -8.75
CA GLY A 361 1.91 -9.32 -9.16
C GLY A 361 3.11 -10.18 -9.50
N VAL A 362 2.92 -11.49 -9.36
CA VAL A 362 3.90 -12.46 -9.79
C VAL A 362 3.13 -13.68 -10.27
N LEU A 363 3.45 -14.18 -11.46
CA LEU A 363 2.58 -15.19 -12.05
C LEU A 363 3.34 -16.07 -13.03
N THR A 364 2.74 -17.23 -13.31
CA THR A 364 3.26 -18.09 -14.36
C THR A 364 2.11 -18.88 -14.96
N TYR A 365 2.25 -19.23 -16.23
CA TYR A 365 1.39 -20.18 -16.92
C TYR A 365 2.13 -20.70 -18.14
N PRO A 366 1.69 -21.80 -18.72
CA PRO A 366 2.43 -22.38 -19.86
C PRO A 366 2.65 -21.41 -21.01
N GLY A 367 3.91 -21.16 -21.36
CA GLY A 367 4.23 -20.26 -22.47
C GLY A 367 4.16 -18.79 -22.15
N ILE A 368 4.03 -18.42 -20.87
CA ILE A 368 3.94 -16.99 -20.51
C ILE A 368 5.18 -16.23 -20.94
N SER A 369 4.97 -15.00 -21.40
CA SER A 369 6.05 -14.04 -21.60
C SER A 369 5.63 -12.69 -21.01
N ALA A 370 6.62 -11.85 -20.70
CA ALA A 370 6.29 -10.54 -20.13
C ALA A 370 5.54 -9.68 -21.13
N GLU A 371 5.90 -9.77 -22.41
CA GLU A 371 5.24 -8.91 -23.37
C GLU A 371 3.82 -9.40 -23.67
N ASP A 372 3.59 -10.72 -23.59
CA ASP A 372 2.22 -11.20 -23.69
C ASP A 372 1.37 -10.70 -22.51
N VAL A 373 1.89 -10.83 -21.30
CA VAL A 373 1.15 -10.34 -20.13
C VAL A 373 0.89 -8.85 -20.29
N MET A 374 1.91 -8.11 -20.70
CA MET A 374 1.74 -6.66 -20.85
C MET A 374 0.65 -6.32 -21.85
N GLN A 375 0.65 -7.00 -23.00
CA GLN A 375 -0.38 -6.78 -24.00
C GLN A 375 -1.77 -7.13 -23.46
N SER A 376 -1.87 -8.24 -22.74
CA SER A 376 -3.18 -8.69 -22.25
C SER A 376 -3.73 -7.73 -21.19
N TYR A 377 -2.85 -7.19 -20.33
CA TYR A 377 -3.29 -6.26 -19.30
C TYR A 377 -3.59 -4.87 -19.89
N SER A 378 -2.68 -4.35 -20.71
CA SER A 378 -2.70 -2.94 -21.09
C SER A 378 -3.92 -2.59 -21.93
N ARG A 379 -4.46 -3.55 -22.68
CA ARG A 379 -5.62 -3.29 -23.52
C ARG A 379 -6.83 -2.81 -22.72
N HIS A 380 -6.84 -3.01 -21.41
CA HIS A 380 -7.92 -2.51 -20.58
C HIS A 380 -7.68 -1.07 -20.12
N GLY A 381 -6.78 -0.34 -20.78
CA GLY A 381 -6.49 1.02 -20.40
C GLY A 381 -5.48 1.17 -19.30
N LEU A 382 -4.66 0.14 -19.06
CA LEU A 382 -3.66 0.16 -18.01
C LEU A 382 -2.28 0.44 -18.62
N ASP A 383 -1.43 1.09 -17.83
CA ASP A 383 -0.12 1.52 -18.28
C ASP A 383 0.95 0.66 -17.64
N MET A 384 1.87 0.16 -18.48
CA MET A 384 2.98 -0.68 -18.06
C MET A 384 4.16 -0.36 -18.97
N ASN A 385 5.34 -0.32 -18.39
CA ASN A 385 6.61 -0.08 -19.09
C ASN A 385 7.29 -1.44 -19.15
N LEU A 386 7.38 -2.00 -20.35
CA LEU A 386 7.95 -3.34 -20.50
C LEU A 386 9.29 -3.45 -19.78
N GLU A 387 10.04 -2.34 -19.70
CA GLU A 387 11.37 -2.35 -19.12
C GLU A 387 11.35 -2.67 -17.65
N LYS A 388 10.22 -2.43 -16.99
CA LYS A 388 10.18 -2.65 -15.57
C LYS A 388 9.57 -4.00 -15.20
N GLN A 389 9.06 -4.74 -16.17
CA GLN A 389 8.69 -6.11 -15.88
C GLN A 389 9.96 -6.89 -15.63
N TYR A 390 9.86 -7.96 -14.84
CA TYR A 390 11.01 -8.80 -14.55
C TYR A 390 10.65 -10.26 -14.79
N VAL A 391 11.58 -11.00 -15.37
CA VAL A 391 11.37 -12.36 -15.84
C VAL A 391 12.57 -13.22 -15.42
N SER A 392 12.29 -14.42 -14.93
CA SER A 392 13.33 -15.37 -14.58
C SER A 392 12.70 -16.75 -14.43
N LYS A 393 13.50 -17.79 -14.67
CA LYS A 393 13.06 -19.15 -14.36
C LYS A 393 13.37 -19.57 -12.93
N GLN A 394 14.31 -18.90 -12.25
CA GLN A 394 14.78 -19.35 -10.94
C GLN A 394 14.52 -18.38 -9.80
N ASP A 395 14.18 -17.12 -10.08
CA ASP A 395 13.94 -16.20 -8.98
C ASP A 395 12.83 -15.22 -9.34
N CYS A 396 12.43 -14.41 -8.36
CA CYS A 396 11.40 -13.42 -8.60
C CYS A 396 11.50 -12.35 -7.53
N THR A 397 10.85 -11.22 -7.79
CA THR A 397 10.70 -10.18 -6.80
C THR A 397 9.22 -9.90 -6.67
N TYR A 398 8.76 -9.75 -5.43
CA TYR A 398 7.35 -9.53 -5.14
C TYR A 398 7.30 -8.79 -3.81
N LEU A 399 6.59 -7.67 -3.79
CA LEU A 399 6.46 -6.80 -2.60
C LEU A 399 7.83 -6.36 -2.10
N ARG A 400 8.73 -6.08 -3.04
CA ARG A 400 10.10 -5.64 -2.75
C ARG A 400 10.90 -6.67 -1.94
N ARG A 401 10.56 -7.95 -2.09
CA ARG A 401 11.36 -9.04 -1.54
C ARG A 401 11.82 -9.96 -2.68
N TRP A 402 13.06 -10.42 -2.57
CA TRP A 402 13.66 -11.35 -3.53
C TRP A 402 13.46 -12.77 -3.05
N HIS A 403 13.11 -13.66 -3.97
CA HIS A 403 13.00 -15.08 -3.69
C HIS A 403 13.76 -15.85 -4.76
N HIS A 404 14.29 -17.00 -4.37
CA HIS A 404 15.04 -17.83 -5.30
C HIS A 404 14.74 -19.29 -5.03
N THR A 405 14.53 -20.06 -6.10
CA THR A 405 14.14 -21.45 -5.93
C THR A 405 15.20 -22.25 -5.15
N ASP A 406 16.47 -21.83 -5.21
CA ASP A 406 17.54 -22.48 -4.47
C ASP A 406 17.78 -21.88 -3.08
N TYR A 407 17.04 -20.85 -2.69
CA TYR A 407 17.22 -20.17 -1.40
C TYR A 407 16.02 -20.51 -0.53
N ARG A 408 16.11 -21.63 0.19
CA ARG A 408 15.00 -22.11 0.98
C ARG A 408 15.45 -22.31 2.41
N VAL A 409 14.58 -21.93 3.35
CA VAL A 409 14.76 -22.09 4.80
C VAL A 409 13.61 -22.94 5.29
N ASP A 410 13.93 -24.09 5.89
CA ASP A 410 12.92 -25.11 6.25
C ASP A 410 11.96 -25.36 5.09
N GLY A 411 12.52 -25.42 3.88
CA GLY A 411 11.76 -25.74 2.68
C GLY A 411 11.00 -24.60 2.06
N MET A 412 11.05 -23.39 2.61
CA MET A 412 10.30 -22.27 2.06
C MET A 412 11.23 -21.31 1.31
N CYS A 413 10.76 -20.81 0.17
CA CYS A 413 11.48 -19.75 -0.56
C CYS A 413 11.20 -18.43 0.13
N VAL A 414 11.92 -18.18 1.23
CA VAL A 414 11.66 -17.01 2.06
C VAL A 414 12.03 -15.71 1.33
N GLY A 415 11.32 -14.63 1.66
CA GLY A 415 11.53 -13.37 0.99
C GLY A 415 12.67 -12.56 1.62
N VAL A 416 13.60 -12.11 0.79
CA VAL A 416 14.76 -11.38 1.26
C VAL A 416 14.52 -9.89 0.97
N TYR A 417 14.50 -9.09 2.02
CA TYR A 417 14.39 -7.66 1.88
C TYR A 417 15.77 -7.06 1.66
N SER A 418 15.83 -5.98 0.88
CA SER A 418 17.10 -5.34 0.59
C SER A 418 17.68 -4.68 1.84
N THR A 419 18.89 -5.06 2.22
CA THR A 419 19.57 -4.33 3.29
C THR A 419 19.87 -2.90 2.87
N MET A 420 20.12 -2.67 1.58
CA MET A 420 20.38 -1.30 1.13
C MET A 420 19.15 -0.43 1.30
N ARG A 421 17.99 -0.94 0.90
CA ARG A 421 16.75 -0.22 1.14
C ARG A 421 16.53 0.02 2.63
N ALA A 422 16.81 -0.99 3.45
CA ALA A 422 16.67 -0.85 4.89
C ALA A 422 17.55 0.28 5.41
N LEU A 423 18.82 0.33 4.99
CA LEU A 423 19.74 1.36 5.46
C LEU A 423 19.23 2.75 5.11
N GLY A 424 18.74 2.94 3.89
CA GLY A 424 18.19 4.24 3.52
C GLY A 424 17.05 4.66 4.43
N ARG A 425 16.18 3.72 4.79
CA ARG A 425 15.06 4.04 5.66
C ARG A 425 15.51 4.28 7.10
N LEU A 426 16.54 3.56 7.56
CA LEU A 426 17.07 3.82 8.88
C LEU A 426 17.67 5.23 8.95
N ALA A 427 18.25 5.70 7.85
CA ALA A 427 18.97 6.96 7.86
C ALA A 427 18.07 8.17 7.58
N MET A 428 16.95 7.97 6.89
CA MET A 428 16.11 9.03 6.38
C MET A 428 14.67 8.79 6.79
N GLN A 429 13.98 9.84 7.22
CA GLN A 429 12.60 9.66 7.61
C GLN A 429 11.69 10.59 6.82
N GLU A 430 10.41 10.22 6.80
CA GLU A 430 9.42 10.94 6.02
C GLU A 430 8.92 12.19 6.74
N ARG A 431 8.84 12.13 8.06
CA ARG A 431 8.27 13.24 8.82
C ARG A 431 9.11 13.48 10.06
N TYR A 432 9.21 14.74 10.43
CA TYR A 432 9.97 15.15 11.59
C TYR A 432 9.11 15.06 12.84
N TYR A 433 9.65 14.45 13.89
CA TYR A 433 9.07 14.51 15.22
C TYR A 433 10.17 14.94 16.19
N ASP A 434 9.91 15.99 16.95
CA ASP A 434 10.85 16.52 17.93
C ASP A 434 11.04 15.52 19.07
N PRO A 435 12.24 14.92 19.22
CA PRO A 435 12.43 13.92 20.29
C PRO A 435 12.40 14.51 21.69
N ASP A 436 12.44 15.84 21.84
CA ASP A 436 12.23 16.45 23.15
C ASP A 436 10.79 16.31 23.60
N VAL A 437 9.86 16.26 22.65
CA VAL A 437 8.45 16.15 22.95
C VAL A 437 7.96 14.71 22.84
N TRP A 438 8.62 13.87 22.05
CA TRP A 438 8.10 12.56 21.68
C TRP A 438 8.92 11.39 22.20
N GLY A 439 10.22 11.57 22.43
CA GLY A 439 11.04 10.56 23.05
C GLY A 439 11.81 9.73 22.03
N GLU A 440 12.87 9.07 22.52
CA GLU A 440 13.73 8.26 21.66
C GLU A 440 13.25 6.82 21.52
N LYS A 441 12.37 6.36 22.41
CA LYS A 441 11.81 5.02 22.25
C LYS A 441 11.14 4.86 20.89
N MET A 442 10.43 5.90 20.43
CA MET A 442 9.72 5.78 19.17
C MET A 442 10.69 5.72 17.99
N VAL A 443 11.83 6.40 18.10
CA VAL A 443 12.89 6.26 17.09
C VAL A 443 13.32 4.81 17.00
N THR A 444 13.62 4.20 18.16
CA THR A 444 14.09 2.82 18.20
C THR A 444 13.03 1.85 17.69
N LEU A 445 11.77 2.08 18.03
CA LEU A 445 10.70 1.22 17.52
C LEU A 445 10.66 1.27 15.99
N ARG A 446 10.84 2.46 15.41
CA ARG A 446 10.88 2.56 13.96
C ARG A 446 12.06 1.79 13.38
N TYR A 447 13.26 1.96 13.98
CA TYR A 447 14.43 1.19 13.54
C TYR A 447 14.14 -0.31 13.50
N LEU A 448 13.54 -0.83 14.58
CA LEU A 448 13.29 -2.27 14.66
C LEU A 448 12.32 -2.73 13.58
N SER A 449 11.26 -1.95 13.34
CA SER A 449 10.30 -2.33 12.32
C SER A 449 10.94 -2.36 10.94
N ILE A 450 11.92 -1.48 10.68
CA ILE A 450 12.62 -1.53 9.41
C ILE A 450 13.52 -2.76 9.35
N ILE A 451 14.34 -2.95 10.39
CA ILE A 451 15.34 -4.02 10.37
C ILE A 451 14.65 -5.38 10.33
N GLU A 452 13.49 -5.51 10.96
CA GLU A 452 12.79 -6.79 10.99
C GLU A 452 12.56 -7.34 9.58
N ASN A 453 12.46 -6.45 8.59
CA ASN A 453 12.23 -6.88 7.21
C ASN A 453 13.34 -7.78 6.68
N VAL A 454 14.58 -7.62 7.15
CA VAL A 454 15.70 -8.36 6.56
C VAL A 454 15.93 -9.69 7.30
N LYS A 455 14.90 -10.18 7.99
CA LYS A 455 15.03 -11.37 8.84
C LYS A 455 15.40 -12.66 8.09
N TYR A 456 15.36 -12.67 6.75
CA TYR A 456 15.83 -13.84 6.00
C TYR A 456 17.02 -13.56 5.12
N HIS A 457 17.60 -12.37 5.22
CA HIS A 457 18.75 -12.03 4.41
C HIS A 457 19.93 -12.90 4.82
N PRO A 458 20.74 -13.36 3.88
CA PRO A 458 21.90 -14.18 4.25
C PRO A 458 22.85 -13.49 5.22
N LEU A 459 22.91 -12.15 5.20
CA LEU A 459 23.85 -11.38 6.03
C LEU A 459 23.14 -10.63 7.16
N LYS A 460 22.00 -11.15 7.62
CA LYS A 460 21.20 -10.38 8.57
C LYS A 460 21.95 -10.16 9.88
N GLU A 461 22.77 -11.13 10.30
CA GLU A 461 23.47 -10.98 11.57
C GLU A 461 24.56 -9.92 11.47
N GLU A 462 25.31 -9.92 10.37
CA GLU A 462 26.28 -8.86 10.12
C GLU A 462 25.56 -7.53 9.99
N PHE A 463 24.42 -7.53 9.31
CA PHE A 463 23.67 -6.29 9.12
C PHE A 463 23.23 -5.73 10.46
N LEU A 464 22.77 -6.60 11.37
CA LEU A 464 22.33 -6.14 12.69
C LEU A 464 23.49 -5.55 13.49
N ASP A 465 24.66 -6.22 13.47
CA ASP A 465 25.82 -5.67 14.15
C ASP A 465 26.21 -4.32 13.56
N PHE A 466 26.11 -4.19 12.24
CA PHE A 466 26.36 -2.90 11.60
C PHE A 466 25.38 -1.85 12.08
N CYS A 467 24.10 -2.20 12.20
CA CYS A 467 23.09 -1.23 12.63
C CYS A 467 23.24 -0.85 14.10
N ILE A 468 23.58 -1.83 14.95
CA ILE A 468 23.79 -1.52 16.37
C ILE A 468 24.82 -0.42 16.53
N LYS A 469 25.92 -0.50 15.78
CA LYS A 469 26.99 0.49 15.85
C LYS A 469 26.53 1.87 15.41
N GLY A 470 25.46 1.96 14.63
CA GLY A 470 24.98 3.27 14.24
C GLY A 470 24.02 3.92 15.20
N ASP A 471 23.68 3.26 16.30
CA ASP A 471 22.65 3.77 17.19
C ASP A 471 23.22 3.97 18.59
N LYS A 472 23.12 5.21 19.08
CA LYS A 472 23.55 5.53 20.44
C LYS A 472 22.97 4.55 21.45
N THR A 473 21.65 4.31 21.37
CA THR A 473 20.94 3.39 22.25
C THR A 473 21.04 1.93 21.81
N ARG A 474 21.79 1.64 20.75
CA ARG A 474 22.06 0.27 20.30
C ARG A 474 20.78 -0.53 20.09
N LEU A 475 19.83 0.09 19.40
CA LEU A 475 18.57 -0.56 19.02
C LEU A 475 17.79 -1.04 20.24
N GLY A 476 17.88 -0.33 21.36
CA GLY A 476 17.14 -0.68 22.55
C GLY A 476 17.94 -1.44 23.59
N LEU A 477 19.09 -2.00 23.20
CA LEU A 477 19.97 -2.62 24.18
C LEU A 477 20.42 -1.61 25.24
N GLY A 478 20.47 -0.34 24.88
CA GLY A 478 20.83 0.73 25.79
C GLY A 478 19.68 1.42 26.47
N ILE A 479 18.47 0.89 26.37
CA ILE A 479 17.29 1.48 26.99
C ILE A 479 16.82 0.51 28.07
N PRO A 480 17.05 0.81 29.34
CA PRO A 480 16.74 -0.16 30.41
C PRO A 480 15.28 -0.63 30.37
N GLY A 481 15.09 -1.94 30.42
CA GLY A 481 13.77 -2.54 30.38
C GLY A 481 13.14 -2.62 29.01
N PHE A 482 13.67 -1.90 28.01
CA PHE A 482 12.94 -1.70 26.76
C PHE A 482 12.65 -3.03 26.06
N LEU A 483 13.69 -3.83 25.80
CA LEU A 483 13.49 -5.08 25.08
C LEU A 483 12.59 -6.04 25.85
N ASP A 484 12.73 -6.06 27.18
CA ASP A 484 11.93 -6.95 28.03
C ASP A 484 10.45 -6.56 28.09
N ASN A 485 10.11 -5.32 27.73
CA ASN A 485 8.73 -4.85 27.80
C ASN A 485 8.25 -4.35 26.45
N ILE A 486 8.74 -4.97 25.36
CA ILE A 486 8.68 -4.31 24.05
C ILE A 486 7.25 -4.24 23.53
N ALA A 487 6.46 -5.28 23.74
CA ALA A 487 5.04 -5.19 23.37
C ALA A 487 4.38 -4.00 24.07
N GLY A 488 4.71 -3.80 25.35
CA GLY A 488 4.15 -2.68 26.08
C GLY A 488 4.61 -1.33 25.55
N GLU A 489 5.93 -1.15 25.41
CA GLU A 489 6.45 0.09 24.84
C GLU A 489 5.83 0.36 23.48
N ALA A 490 5.62 -0.70 22.69
CA ALA A 490 4.97 -0.56 21.39
C ALA A 490 3.56 0.02 21.53
N GLN A 491 2.82 -0.38 22.56
CA GLN A 491 1.48 0.18 22.75
C GLN A 491 1.54 1.62 23.25
N LYS A 492 2.43 1.89 24.20
CA LYS A 492 2.53 3.21 24.82
C LYS A 492 2.77 4.28 23.77
N GLY A 520 2.73 -8.15 17.19
CA GLY A 520 3.54 -9.35 17.28
C GLY A 520 5.02 -9.05 17.54
N ILE A 521 5.31 -7.87 18.08
CA ILE A 521 6.69 -7.39 18.14
C ILE A 521 7.53 -8.27 19.06
N GLU A 522 6.94 -8.79 20.15
CA GLU A 522 7.72 -9.63 21.05
C GLU A 522 8.27 -10.86 20.31
N ASN A 523 7.64 -11.24 19.21
CA ASN A 523 8.05 -12.41 18.43
C ASN A 523 8.98 -12.07 17.26
N TRP A 524 9.36 -10.81 17.07
CA TRP A 524 10.20 -10.46 15.93
C TRP A 524 11.59 -11.08 16.05
N TRP A 525 12.14 -11.48 14.90
CA TRP A 525 13.51 -11.97 14.86
C TRP A 525 14.50 -10.97 15.43
N VAL A 526 14.35 -9.69 15.08
CA VAL A 526 15.35 -8.70 15.49
C VAL A 526 15.36 -8.55 17.00
N VAL A 527 14.19 -8.69 17.63
CA VAL A 527 14.11 -8.65 19.09
C VAL A 527 14.85 -9.84 19.69
N GLN A 528 14.62 -11.03 19.12
CA GLN A 528 15.34 -12.21 19.58
C GLN A 528 16.84 -12.07 19.35
N ALA A 529 17.23 -11.51 18.20
CA ALA A 529 18.65 -11.37 17.91
C ALA A 529 19.32 -10.38 18.85
N LEU A 530 18.65 -9.27 19.17
CA LEU A 530 19.21 -8.31 20.10
C LEU A 530 19.35 -8.90 21.50
N LYS A 531 18.28 -9.52 22.01
CA LYS A 531 18.32 -10.17 23.32
C LYS A 531 19.42 -11.21 23.41
N SER A 532 19.73 -11.88 22.30
CA SER A 532 20.81 -12.85 22.34
C SER A 532 22.18 -12.18 22.44
N ARG A 533 22.27 -10.89 22.15
CA ARG A 533 23.50 -10.13 22.27
C ARG A 533 23.69 -9.52 23.65
N ARG A 534 22.82 -9.87 24.60
CA ARG A 534 22.94 -9.42 25.99
C ARG A 534 23.82 -10.36 26.80
#